data_2BVP
#
_entry.id   2BVP
#
_cell.length_a   49.912
_cell.length_b   81.887
_cell.length_c   108.154
_cell.angle_alpha   90.00
_cell.angle_beta   90.00
_cell.angle_gamma   90.00
#
_symmetry.space_group_name_H-M   'P 21 21 21'
#
loop_
_entity.id
_entity.type
_entity.pdbx_description
1 polymer 'HLA CLASS I HISTOCOMPATIBILITY ANTIGEN, B-57 ALPHA CHAIN'
2 polymer BETA-2-MICROGLOBULIN
3 polymer HIV-P24
4 water water
#
loop_
_entity_poly.entity_id
_entity_poly.type
_entity_poly.pdbx_seq_one_letter_code
_entity_poly.pdbx_strand_id
1 'polypeptide(L)'
;GSHSMRYFYTAMSRPGRGEPRFIAVGYVDDTQFVRFDSDAASPRMAPRAPWIEQEGPEYWDGETRNMKASAQTYRENLRI
ALRYYNQSEAGSHIIQVMYGCDVGPDGRLLRGHNQYAYDGKDYIALNEDLSSWTAADTAAQITQRKWEAARVAEQLRAYL
EGLCVEWLRRYLENGKETLQRADPPKTHVTHHPISDHEATLRCWALGFYPAEITLTWQRDGEDQTQDTELVETRPAGDRT
FQKWAAVVVPSGEEQRYTCHVQHEGLPKPLTLRWEP
;
A
2 'polypeptide(L)'
;MIQRTPKIQVYSRHPAENGKSNFLNCYVSGFHPSDIEVDLLKNGERIEKVEHSDLSFSKDWSFYLLYYTEFTPTEKDEYA
CRVNHVTLSQPKIVKWDRDM
;
B
3 'polypeptide(L)' ISPRTLDAW C
#
# COMPACT_ATOMS: atom_id res chain seq x y z
N GLY A 1 3.47 20.32 3.72
CA GLY A 1 4.93 20.03 3.79
C GLY A 1 5.40 19.38 2.51
N SER A 2 6.14 18.29 2.66
CA SER A 2 6.66 17.53 1.53
C SER A 2 5.59 16.63 0.95
N HIS A 3 5.77 16.26 -0.32
CA HIS A 3 4.80 15.40 -0.98
C HIS A 3 5.51 14.50 -1.94
N SER A 4 4.79 13.47 -2.37
CA SER A 4 5.33 12.49 -3.29
C SER A 4 4.27 12.08 -4.28
N MET A 5 4.73 11.68 -5.44
CA MET A 5 3.89 10.97 -6.34
C MET A 5 4.55 9.65 -6.62
N ARG A 6 3.74 8.61 -6.71
CA ARG A 6 4.22 7.27 -7.04
C ARG A 6 3.35 6.61 -8.08
N TYR A 7 3.98 5.92 -9.01
CA TYR A 7 3.30 4.94 -9.82
C TYR A 7 3.86 3.60 -9.50
N PHE A 8 2.96 2.65 -9.35
CA PHE A 8 3.30 1.26 -9.08
C PHE A 8 2.70 0.37 -10.13
N TYR A 9 3.53 -0.42 -10.77
CA TYR A 9 3.04 -1.38 -11.74
C TYR A 9 3.34 -2.75 -11.26
N THR A 10 2.40 -3.67 -11.49
CA THR A 10 2.59 -5.07 -11.27
C THR A 10 2.18 -5.81 -12.53
N ALA A 11 3.10 -6.61 -13.03
CA ALA A 11 2.89 -7.44 -14.21
C ALA A 11 3.05 -8.86 -13.75
N MET A 12 2.02 -9.68 -13.96
CA MET A 12 1.92 -11.02 -13.37
C MET A 12 1.67 -12.04 -14.47
N SER A 13 2.66 -12.85 -14.81
CA SER A 13 2.41 -13.89 -15.80
C SER A 13 1.59 -15.03 -15.22
N ARG A 14 0.93 -15.76 -16.11
CA ARG A 14 0.01 -16.80 -15.68
C ARG A 14 -0.14 -17.77 -16.84
N PRO A 15 0.94 -18.50 -17.18
CA PRO A 15 0.93 -19.35 -18.36
C PRO A 15 -0.30 -20.25 -18.38
N GLY A 16 -0.96 -20.27 -19.54
CA GLY A 16 -2.15 -21.09 -19.75
C GLY A 16 -3.43 -20.35 -19.44
N ARG A 17 -3.31 -19.14 -18.89
CA ARG A 17 -4.47 -18.33 -18.52
C ARG A 17 -4.36 -16.95 -19.11
N GLY A 18 -3.82 -16.89 -20.32
CA GLY A 18 -3.74 -15.66 -21.06
C GLY A 18 -2.45 -14.92 -20.81
N GLU A 19 -2.42 -13.69 -21.29
CA GLU A 19 -1.25 -12.84 -21.17
C GLU A 19 -1.14 -12.34 -19.75
N PRO A 20 0.08 -11.94 -19.35
CA PRO A 20 0.27 -11.44 -18.01
C PRO A 20 -0.64 -10.29 -17.70
N ARG A 21 -1.24 -10.33 -16.53
CA ARG A 21 -2.06 -9.23 -16.11
C ARG A 21 -1.16 -8.05 -15.73
N PHE A 22 -1.56 -6.86 -16.11
CA PHE A 22 -0.82 -5.66 -15.77
C PHE A 22 -1.76 -4.77 -15.01
N ILE A 23 -1.38 -4.42 -13.79
CA ILE A 23 -2.16 -3.51 -12.96
C ILE A 23 -1.25 -2.37 -12.57
N ALA A 24 -1.71 -1.15 -12.82
CA ALA A 24 -0.97 0.04 -12.42
C ALA A 24 -1.84 0.83 -11.50
N VAL A 25 -1.22 1.46 -10.51
CA VAL A 25 -1.88 2.41 -9.64
C VAL A 25 -1.00 3.62 -9.46
N GLY A 26 -1.61 4.77 -9.31
CA GLY A 26 -0.88 6.00 -9.06
C GLY A 26 -1.33 6.56 -7.75
N TYR A 27 -0.40 7.13 -7.00
CA TYR A 27 -0.63 7.74 -5.71
C TYR A 27 -0.03 9.12 -5.65
N VAL A 28 -0.72 10.01 -4.97
CA VAL A 28 -0.07 11.20 -4.44
C VAL A 28 -0.11 11.01 -2.95
N ASP A 29 1.06 11.04 -2.33
CA ASP A 29 1.16 10.71 -0.93
C ASP A 29 0.43 9.41 -0.68
N ASP A 30 -0.53 9.37 0.24
CA ASP A 30 -1.23 8.12 0.50
C ASP A 30 -2.61 8.03 -0.11
N THR A 31 -2.79 8.79 -1.19
CA THR A 31 -4.07 8.83 -1.86
C THR A 31 -3.91 8.26 -3.26
N GLN A 32 -4.59 7.16 -3.52
CA GLN A 32 -4.59 6.59 -4.84
C GLN A 32 -5.42 7.48 -5.73
N PHE A 33 -4.97 7.71 -6.95
CA PHE A 33 -5.75 8.56 -7.81
C PHE A 33 -6.05 7.97 -9.16
N VAL A 34 -5.31 6.94 -9.58
CA VAL A 34 -5.61 6.27 -10.84
C VAL A 34 -5.35 4.80 -10.72
N ARG A 35 -5.99 4.03 -11.60
CA ARG A 35 -5.72 2.62 -11.74
C ARG A 35 -5.86 2.22 -13.18
N PHE A 36 -5.19 1.14 -13.52
CA PHE A 36 -5.36 0.50 -14.79
C PHE A 36 -5.28 -0.99 -14.51
N ASP A 37 -6.15 -1.79 -15.13
CA ASP A 37 -6.11 -3.24 -14.99
C ASP A 37 -6.36 -3.85 -16.34
N SER A 38 -5.38 -4.54 -16.87
CA SER A 38 -5.52 -5.13 -18.19
C SER A 38 -6.61 -6.20 -18.27
N ASP A 39 -7.06 -6.69 -17.12
CA ASP A 39 -8.13 -7.71 -17.11
C ASP A 39 -9.53 -7.13 -17.12
N ALA A 40 -9.64 -5.82 -16.99
CA ALA A 40 -10.95 -5.17 -17.00
C ALA A 40 -11.60 -5.45 -18.35
N ALA A 41 -12.93 -5.51 -18.37
CA ALA A 41 -13.65 -5.69 -19.61
C ALA A 41 -13.20 -4.66 -20.64
N SER A 42 -13.07 -3.41 -20.20
CA SER A 42 -12.58 -2.34 -21.04
C SER A 42 -11.45 -1.61 -20.34
N PRO A 43 -10.22 -2.12 -20.49
CA PRO A 43 -9.11 -1.52 -19.74
C PRO A 43 -8.87 -0.07 -20.08
N ARG A 44 -8.84 0.76 -19.05
CA ARG A 44 -8.46 2.15 -19.20
C ARG A 44 -7.81 2.65 -17.93
N MET A 45 -6.99 3.69 -18.04
CA MET A 45 -6.60 4.37 -16.83
C MET A 45 -7.89 5.01 -16.31
N ALA A 46 -8.22 4.73 -15.06
CA ALA A 46 -9.46 5.19 -14.51
C ALA A 46 -9.21 5.97 -13.24
N PRO A 47 -10.04 6.99 -12.97
CA PRO A 47 -9.85 7.81 -11.79
C PRO A 47 -10.22 7.07 -10.54
N ARG A 48 -9.49 7.36 -9.46
CA ARG A 48 -9.78 6.77 -8.17
C ARG A 48 -9.75 7.82 -7.06
N ALA A 49 -9.65 9.08 -7.44
CA ALA A 49 -9.76 10.20 -6.50
C ALA A 49 -10.55 11.27 -7.22
N PRO A 50 -11.35 12.04 -6.47
CA PRO A 50 -12.20 13.00 -7.16
C PRO A 50 -11.45 14.08 -7.92
N TRP A 51 -10.29 14.49 -7.43
CA TRP A 51 -9.59 15.65 -7.97
C TRP A 51 -8.88 15.35 -9.28
N ILE A 52 -8.78 14.07 -9.64
CA ILE A 52 -8.24 13.71 -10.94
C ILE A 52 -9.31 13.66 -12.01
N GLU A 53 -10.57 13.56 -11.59
CA GLU A 53 -11.67 13.37 -12.53
C GLU A 53 -11.75 14.51 -13.54
N GLN A 54 -11.37 15.70 -13.09
CA GLN A 54 -11.42 16.88 -13.94
C GLN A 54 -10.44 16.83 -15.11
N GLU A 55 -9.47 15.92 -15.07
CA GLU A 55 -8.56 15.82 -16.18
C GLU A 55 -9.35 15.45 -17.43
N GLY A 56 -8.95 16.03 -18.55
CA GLY A 56 -9.71 15.90 -19.78
C GLY A 56 -9.49 14.58 -20.48
N PRO A 57 -10.22 14.35 -21.58
CA PRO A 57 -10.14 13.10 -22.31
C PRO A 57 -8.73 12.81 -22.83
N GLU A 58 -7.97 13.85 -23.18
CA GLU A 58 -6.59 13.66 -23.65
C GLU A 58 -5.74 13.04 -22.55
N TYR A 59 -5.95 13.49 -21.32
CA TYR A 59 -5.26 12.92 -20.20
C TYR A 59 -5.60 11.44 -20.10
N TRP A 60 -6.88 11.10 -20.05
CA TRP A 60 -7.31 9.73 -19.86
C TRP A 60 -6.91 8.82 -21.01
N ASP A 61 -7.10 9.30 -22.23
CA ASP A 61 -6.72 8.51 -23.37
C ASP A 61 -5.20 8.34 -23.41
N GLY A 62 -4.48 9.40 -23.10
CA GLY A 62 -3.01 9.35 -23.06
C GLY A 62 -2.52 8.38 -22.01
N GLU A 63 -3.13 8.43 -20.84
CA GLU A 63 -2.76 7.52 -19.77
C GLU A 63 -3.14 6.10 -20.13
N THR A 64 -4.32 5.91 -20.72
CA THR A 64 -4.73 4.58 -21.14
C THR A 64 -3.79 4.02 -22.18
N ARG A 65 -3.45 4.84 -23.16
CA ARG A 65 -2.49 4.41 -24.16
C ARG A 65 -1.17 4.03 -23.51
N ASN A 66 -0.70 4.88 -22.60
CA ASN A 66 0.56 4.62 -21.96
C ASN A 66 0.51 3.35 -21.13
N MET A 67 -0.62 3.11 -20.46
CA MET A 67 -0.76 1.88 -19.71
C MET A 67 -0.79 0.65 -20.59
N LYS A 68 -1.48 0.72 -21.72
CA LYS A 68 -1.49 -0.44 -22.61
C LYS A 68 -0.10 -0.71 -23.15
N ALA A 69 0.62 0.35 -23.49
CA ALA A 69 1.99 0.21 -23.96
C ALA A 69 2.89 -0.31 -22.85
N SER A 70 2.70 0.21 -21.64
CA SER A 70 3.46 -0.27 -20.50
C SER A 70 3.16 -1.75 -20.25
N ALA A 71 1.89 -2.13 -20.34
CA ALA A 71 1.56 -3.56 -20.20
C ALA A 71 2.33 -4.39 -21.20
N GLN A 72 2.39 -3.93 -22.44
CA GLN A 72 3.12 -4.67 -23.43
C GLN A 72 4.60 -4.76 -23.09
N THR A 73 5.18 -3.63 -22.69
CA THR A 73 6.59 -3.60 -22.30
C THR A 73 6.85 -4.54 -21.16
N TYR A 74 5.98 -4.56 -20.17
CA TYR A 74 6.23 -5.44 -19.05
C TYR A 74 5.96 -6.89 -19.31
N ARG A 75 5.06 -7.18 -20.25
CA ARG A 75 4.91 -8.56 -20.72
C ARG A 75 6.17 -9.01 -21.42
N GLU A 76 6.74 -8.13 -22.23
CA GLU A 76 8.03 -8.43 -22.84
C GLU A 76 9.08 -8.61 -21.75
N ASN A 77 9.09 -7.71 -20.75
CA ASN A 77 10.10 -7.79 -19.71
C ASN A 77 9.97 -9.08 -18.93
N LEU A 78 8.75 -9.58 -18.74
CA LEU A 78 8.57 -10.87 -18.11
C LEU A 78 9.23 -11.97 -18.91
N ARG A 79 9.07 -11.93 -20.23
CA ARG A 79 9.70 -12.94 -21.08
C ARG A 79 11.21 -12.82 -21.04
N ILE A 80 11.71 -11.59 -21.00
CA ILE A 80 13.14 -11.34 -20.93
C ILE A 80 13.68 -11.86 -19.62
N ALA A 81 12.98 -11.57 -18.54
CA ALA A 81 13.43 -12.03 -17.25
C ALA A 81 13.53 -13.54 -17.19
N LEU A 82 12.62 -14.26 -17.85
CA LEU A 82 12.70 -15.72 -17.89
C LEU A 82 14.02 -16.13 -18.47
N ARG A 83 14.42 -15.47 -19.55
CA ARG A 83 15.68 -15.79 -20.17
C ARG A 83 16.81 -15.50 -19.19
N TYR A 84 16.81 -14.30 -18.61
CA TYR A 84 17.93 -13.86 -17.77
C TYR A 84 18.13 -14.75 -16.58
N TYR A 85 17.06 -15.40 -16.12
CA TYR A 85 17.14 -16.28 -14.98
C TYR A 85 17.04 -17.74 -15.34
N ASN A 86 17.11 -18.05 -16.63
CA ASN A 86 17.05 -19.43 -17.11
C ASN A 86 15.80 -20.16 -16.63
N GLN A 87 14.66 -19.47 -16.63
CA GLN A 87 13.43 -20.01 -16.10
C GLN A 87 12.50 -20.53 -17.16
N SER A 88 11.64 -21.45 -16.74
CA SER A 88 10.67 -22.12 -17.59
C SER A 88 9.52 -21.19 -17.96
N GLU A 89 8.91 -21.44 -19.10
CA GLU A 89 7.70 -20.73 -19.49
C GLU A 89 6.46 -21.21 -18.75
N ALA A 90 6.60 -22.23 -17.91
CA ALA A 90 5.46 -22.80 -17.20
C ALA A 90 5.11 -22.07 -15.91
N GLY A 91 6.06 -21.30 -15.37
CA GLY A 91 5.86 -20.68 -14.08
C GLY A 91 5.27 -19.28 -14.17
N SER A 92 4.65 -18.88 -13.08
CA SER A 92 4.09 -17.54 -12.94
C SER A 92 5.12 -16.65 -12.27
N HIS A 93 5.33 -15.47 -12.84
CA HIS A 93 6.32 -14.53 -12.34
C HIS A 93 5.75 -13.15 -12.30
N ILE A 94 6.41 -12.27 -11.56
CA ILE A 94 5.91 -10.93 -11.35
C ILE A 94 7.01 -9.90 -11.48
N ILE A 95 6.78 -8.89 -12.28
CA ILE A 95 7.63 -7.71 -12.28
C ILE A 95 6.85 -6.61 -11.60
N GLN A 96 7.53 -5.91 -10.69
CA GLN A 96 6.97 -4.72 -10.12
C GLN A 96 7.87 -3.55 -10.39
N VAL A 97 7.26 -2.39 -10.54
CA VAL A 97 7.98 -1.19 -10.81
C VAL A 97 7.42 -0.10 -9.96
N MET A 98 8.30 0.74 -9.44
CA MET A 98 7.89 1.97 -8.81
C MET A 98 8.61 3.14 -9.47
N TYR A 99 7.87 4.21 -9.64
CA TYR A 99 8.41 5.50 -10.05
C TYR A 99 7.94 6.49 -9.05
N GLY A 100 8.76 7.49 -8.77
CA GLY A 100 8.32 8.46 -7.81
C GLY A 100 9.15 9.71 -7.80
N CYS A 101 8.51 10.80 -7.43
CA CYS A 101 9.26 12.01 -7.14
C CYS A 101 8.77 12.53 -5.83
N ASP A 102 9.68 13.05 -5.05
CA ASP A 102 9.40 13.66 -3.77
C ASP A 102 9.75 15.11 -3.92
N VAL A 103 8.85 15.96 -3.43
CA VAL A 103 9.08 17.40 -3.48
C VAL A 103 8.96 17.97 -2.09
N GLY A 104 9.65 19.09 -1.89
CA GLY A 104 9.58 19.82 -0.63
C GLY A 104 8.38 20.75 -0.65
N PRO A 105 8.15 21.46 0.47
CA PRO A 105 7.05 22.42 0.60
C PRO A 105 7.02 23.48 -0.52
N ASP A 106 8.19 23.84 -1.05
CA ASP A 106 8.28 24.79 -2.16
C ASP A 106 8.14 24.13 -3.53
N GLY A 107 7.82 22.84 -3.54
CA GLY A 107 7.57 22.10 -4.77
C GLY A 107 8.81 21.65 -5.53
N ARG A 108 9.98 21.95 -4.97
CA ARG A 108 11.23 21.59 -5.62
C ARG A 108 11.54 20.11 -5.40
N LEU A 109 12.10 19.48 -6.41
CA LEU A 109 12.47 18.07 -6.32
C LEU A 109 13.43 17.83 -5.16
N LEU A 110 13.02 16.97 -4.24
CA LEU A 110 13.87 16.50 -3.16
C LEU A 110 14.66 15.31 -3.66
N ARG A 111 13.96 14.39 -4.31
CA ARG A 111 14.62 13.28 -4.98
C ARG A 111 13.66 12.49 -5.83
N GLY A 112 14.24 11.77 -6.78
CA GLY A 112 13.48 10.94 -7.69
C GLY A 112 13.76 9.49 -7.39
N HIS A 113 12.86 8.64 -7.89
CA HIS A 113 12.88 7.20 -7.61
C HIS A 113 12.45 6.46 -8.84
N ASN A 114 13.16 5.39 -9.12
CA ASN A 114 12.65 4.42 -10.08
C ASN A 114 13.31 3.11 -9.73
N GLN A 115 12.50 2.16 -9.27
CA GLN A 115 12.99 0.87 -8.85
C GLN A 115 12.19 -0.24 -9.47
N TYR A 116 12.84 -1.38 -9.65
CA TYR A 116 12.23 -2.53 -10.30
C TYR A 116 12.48 -3.73 -9.45
N ALA A 117 11.53 -4.64 -9.44
CA ALA A 117 11.68 -5.92 -8.78
C ALA A 117 11.22 -7.03 -9.69
N TYR A 118 11.76 -8.20 -9.46
CA TYR A 118 11.33 -9.39 -10.16
C TYR A 118 11.08 -10.43 -9.10
N ASP A 119 9.87 -11.00 -9.12
CA ASP A 119 9.43 -11.98 -8.13
C ASP A 119 9.65 -11.48 -6.74
N GLY A 120 9.42 -10.18 -6.59
CA GLY A 120 9.40 -9.54 -5.28
C GLY A 120 10.75 -9.19 -4.73
N LYS A 121 11.79 -9.35 -5.55
CA LYS A 121 13.17 -9.08 -5.13
C LYS A 121 13.67 -7.92 -5.95
N ASP A 122 14.41 -7.01 -5.32
CA ASP A 122 15.01 -5.90 -6.05
C ASP A 122 15.72 -6.41 -7.28
N TYR A 123 15.55 -5.71 -8.38
CA TYR A 123 16.17 -6.08 -9.61
C TYR A 123 17.15 -4.98 -10.01
N ILE A 124 16.64 -3.80 -10.26
CA ILE A 124 17.51 -2.69 -10.59
C ILE A 124 16.89 -1.43 -10.05
N ALA A 125 17.70 -0.45 -9.71
CA ALA A 125 17.20 0.80 -9.19
C ALA A 125 18.02 1.93 -9.76
N LEU A 126 17.35 3.00 -10.10
CA LEU A 126 18.01 4.22 -10.46
C LEU A 126 18.57 4.83 -9.19
N ASN A 127 19.83 5.24 -9.22
CA ASN A 127 20.43 5.86 -8.04
C ASN A 127 19.91 7.26 -7.84
N GLU A 128 20.19 7.81 -6.66
CA GLU A 128 19.68 9.11 -6.31
C GLU A 128 20.20 10.19 -7.23
N ASP A 129 21.37 9.96 -7.83
CA ASP A 129 21.89 10.91 -8.80
C ASP A 129 21.03 11.00 -10.05
N LEU A 130 20.07 10.09 -10.19
CA LEU A 130 19.21 9.98 -11.38
C LEU A 130 20.03 9.82 -12.63
N SER A 131 21.20 9.19 -12.47
CA SER A 131 22.17 9.10 -13.54
C SER A 131 22.78 7.71 -13.66
N SER A 132 22.88 7.04 -12.54
CA SER A 132 23.53 5.74 -12.52
C SER A 132 22.60 4.72 -11.89
N TRP A 133 22.99 3.45 -12.02
CA TRP A 133 22.13 2.34 -11.66
C TRP A 133 22.78 1.47 -10.61
N THR A 134 21.94 0.83 -9.82
CA THR A 134 22.38 -0.23 -8.95
C THR A 134 21.61 -1.47 -9.35
N ALA A 135 22.34 -2.46 -9.83
CA ALA A 135 21.77 -3.73 -10.25
C ALA A 135 21.93 -4.73 -9.13
N ALA A 136 20.90 -5.53 -8.88
CA ALA A 136 20.89 -6.43 -7.73
C ALA A 136 21.68 -7.69 -8.03
N ASP A 137 21.84 -8.01 -9.30
CA ASP A 137 22.38 -9.30 -9.64
C ASP A 137 22.87 -9.27 -11.05
N THR A 138 23.43 -10.37 -11.52
CA THR A 138 24.04 -10.36 -12.84
C THR A 138 23.03 -10.28 -13.97
N ALA A 139 21.79 -10.67 -13.69
CA ALA A 139 20.72 -10.52 -14.68
C ALA A 139 20.44 -9.03 -14.82
N ALA A 140 20.23 -8.37 -13.70
CA ALA A 140 19.97 -6.94 -13.72
C ALA A 140 21.12 -6.14 -14.29
N GLN A 141 22.35 -6.64 -14.15
CA GLN A 141 23.50 -5.99 -14.78
C GLN A 141 23.39 -5.99 -16.28
N ILE A 142 22.72 -7.01 -16.84
CA ILE A 142 22.48 -7.03 -18.27
C ILE A 142 21.56 -5.87 -18.61
N THR A 143 20.49 -5.73 -17.84
CA THR A 143 19.61 -4.60 -18.03
C THR A 143 20.37 -3.29 -17.83
N GLN A 144 21.21 -3.24 -16.78
CA GLN A 144 21.98 -2.04 -16.52
C GLN A 144 22.82 -1.65 -17.72
N ARG A 145 23.55 -2.62 -18.27
CA ARG A 145 24.38 -2.35 -19.43
C ARG A 145 23.54 -1.82 -20.58
N LYS A 146 22.39 -2.44 -20.81
CA LYS A 146 21.49 -2.02 -21.87
C LYS A 146 21.03 -0.59 -21.60
N TRP A 147 20.67 -0.31 -20.36
CA TRP A 147 20.15 1.00 -20.03
C TRP A 147 21.22 2.08 -20.00
N GLU A 148 22.44 1.70 -19.64
CA GLU A 148 23.56 2.63 -19.74
C GLU A 148 23.83 2.93 -21.21
N ALA A 149 23.88 1.89 -22.02
CA ALA A 149 24.14 2.07 -23.45
C ALA A 149 23.12 3.00 -24.09
N ALA A 150 21.85 2.84 -23.68
CA ALA A 150 20.75 3.58 -24.28
C ALA A 150 20.47 4.89 -23.52
N ARG A 151 21.27 5.19 -22.50
CA ARG A 151 21.12 6.43 -21.73
C ARG A 151 19.70 6.58 -21.20
N VAL A 152 19.17 5.48 -20.67
CA VAL A 152 17.81 5.42 -20.16
C VAL A 152 17.66 6.34 -18.95
N ALA A 153 18.70 6.41 -18.13
CA ALA A 153 18.65 7.22 -16.92
C ALA A 153 18.33 8.67 -17.22
N GLU A 154 18.87 9.17 -18.33
CA GLU A 154 18.62 10.55 -18.72
C GLU A 154 17.13 10.79 -18.96
N GLN A 155 16.46 9.83 -19.58
CA GLN A 155 15.04 9.95 -19.88
C GLN A 155 14.25 9.88 -18.58
N LEU A 156 14.69 9.00 -17.68
CA LEU A 156 14.05 8.89 -16.40
C LEU A 156 14.27 10.13 -15.56
N ARG A 157 15.49 10.65 -15.56
CA ARG A 157 15.78 11.89 -14.85
C ARG A 157 14.88 12.99 -15.37
N ALA A 158 14.75 13.05 -16.70
CA ALA A 158 13.88 14.05 -17.33
C ALA A 158 12.45 13.97 -16.80
N TYR A 159 11.91 12.75 -16.73
CA TYR A 159 10.56 12.56 -16.19
C TYR A 159 10.50 12.98 -14.73
N LEU A 160 11.43 12.48 -13.94
CA LEU A 160 11.38 12.66 -12.50
C LEU A 160 11.59 14.11 -12.08
N GLU A 161 12.47 14.82 -12.77
CA GLU A 161 12.72 16.23 -12.50
C GLU A 161 11.67 17.14 -13.12
N GLY A 162 11.03 16.65 -14.18
CA GLY A 162 10.15 17.47 -15.01
C GLY A 162 8.70 17.13 -14.77
N LEU A 163 8.14 16.32 -15.65
CA LEU A 163 6.72 15.99 -15.58
C LEU A 163 6.26 15.47 -14.24
N CYS A 164 7.08 14.68 -13.58
CA CYS A 164 6.64 14.09 -12.34
C CYS A 164 6.40 15.19 -11.33
N VAL A 165 7.37 16.08 -11.20
CA VAL A 165 7.30 17.19 -10.25
C VAL A 165 6.20 18.17 -10.68
N GLU A 166 6.14 18.46 -11.97
CA GLU A 166 5.15 19.40 -12.44
C GLU A 166 3.73 18.89 -12.25
N TRP A 167 3.48 17.62 -12.59
CA TRP A 167 2.13 17.08 -12.46
C TRP A 167 1.77 16.85 -11.01
N LEU A 168 2.76 16.47 -10.21
CA LEU A 168 2.55 16.39 -8.77
C LEU A 168 2.10 17.75 -8.23
N ARG A 169 2.78 18.82 -8.64
CA ARG A 169 2.42 20.16 -8.18
C ARG A 169 0.97 20.45 -8.57
N ARG A 170 0.60 20.07 -9.80
CA ARG A 170 -0.75 20.27 -10.28
C ARG A 170 -1.77 19.49 -9.48
N TYR A 171 -1.50 18.22 -9.25
CA TYR A 171 -2.42 17.39 -8.48
C TYR A 171 -2.57 17.94 -7.08
N LEU A 172 -1.46 18.37 -6.50
CA LEU A 172 -1.49 18.94 -5.15
C LEU A 172 -2.38 20.15 -5.07
N GLU A 173 -2.34 20.97 -6.11
CA GLU A 173 -3.20 22.13 -6.16
C GLU A 173 -4.64 21.73 -6.38
N ASN A 174 -4.89 20.86 -7.36
CA ASN A 174 -6.25 20.44 -7.68
C ASN A 174 -6.88 19.68 -6.54
N GLY A 175 -6.06 18.93 -5.83
CA GLY A 175 -6.55 18.16 -4.71
C GLY A 175 -6.24 18.76 -3.37
N LYS A 176 -6.00 20.07 -3.34
CA LYS A 176 -5.45 20.68 -2.13
C LYS A 176 -6.33 20.45 -0.90
N GLU A 177 -7.64 20.41 -1.07
CA GLU A 177 -8.48 20.27 0.10
C GLU A 177 -8.25 18.97 0.83
N THR A 178 -7.77 17.95 0.11
CA THR A 178 -7.53 16.65 0.70
C THR A 178 -6.05 16.37 0.76
N LEU A 179 -5.35 16.54 -0.35
CA LEU A 179 -3.93 16.21 -0.38
C LEU A 179 -3.10 17.10 0.53
N GLN A 180 -3.57 18.31 0.77
CA GLN A 180 -2.84 19.24 1.61
C GLN A 180 -3.56 19.42 2.93
N ARG A 181 -4.32 18.42 3.32
CA ARG A 181 -4.97 18.42 4.62
C ARG A 181 -4.55 17.18 5.36
N ALA A 182 -3.91 17.39 6.50
CA ALA A 182 -3.62 16.31 7.39
C ALA A 182 -4.79 16.20 8.34
N ASP A 183 -5.28 14.98 8.51
CA ASP A 183 -6.31 14.71 9.49
C ASP A 183 -5.59 14.08 10.65
N PRO A 184 -5.60 14.73 11.81
CA PRO A 184 -4.84 14.18 12.91
C PRO A 184 -5.53 12.92 13.41
N PRO A 185 -4.77 12.08 14.09
CA PRO A 185 -5.38 10.89 14.63
C PRO A 185 -6.33 11.25 15.77
N LYS A 186 -7.41 10.49 15.83
CA LYS A 186 -8.29 10.51 16.97
C LYS A 186 -7.71 9.40 17.84
N THR A 187 -7.30 9.76 19.06
CA THR A 187 -6.53 8.85 19.88
C THR A 187 -7.28 8.52 21.15
N HIS A 188 -7.12 7.28 21.61
CA HIS A 188 -7.63 6.87 22.90
C HIS A 188 -6.90 5.61 23.32
N VAL A 189 -6.96 5.33 24.61
CA VAL A 189 -6.33 4.16 25.16
C VAL A 189 -7.44 3.28 25.70
N THR A 190 -7.40 2.02 25.30
CA THR A 190 -8.32 1.05 25.84
C THR A 190 -7.55 0.09 26.73
N HIS A 191 -8.28 -0.58 27.59
CA HIS A 191 -7.72 -1.45 28.60
C HIS A 191 -8.43 -2.78 28.46
N HIS A 192 -7.64 -3.85 28.39
CA HIS A 192 -8.20 -5.17 28.16
C HIS A 192 -7.52 -6.13 29.13
N PRO A 193 -8.16 -6.38 30.28
CA PRO A 193 -7.66 -7.40 31.19
C PRO A 193 -7.36 -8.70 30.46
N ILE A 194 -6.22 -9.29 30.76
CA ILE A 194 -5.89 -10.60 30.22
C ILE A 194 -5.99 -11.64 31.31
N SER A 195 -5.60 -11.25 32.52
CA SER A 195 -5.62 -12.12 33.68
C SER A 195 -5.66 -11.24 34.90
N ASP A 196 -5.59 -11.84 36.08
CA ASP A 196 -5.70 -11.06 37.31
C ASP A 196 -4.57 -10.08 37.54
N HIS A 197 -3.45 -10.24 36.86
CA HIS A 197 -2.32 -9.36 37.15
C HIS A 197 -1.72 -8.71 35.91
N GLU A 198 -2.35 -8.91 34.76
CA GLU A 198 -1.91 -8.28 33.53
C GLU A 198 -3.09 -7.78 32.74
N ALA A 199 -2.89 -6.66 32.07
CA ALA A 199 -3.89 -6.14 31.14
C ALA A 199 -3.17 -5.55 29.95
N THR A 200 -3.88 -5.51 28.83
CA THR A 200 -3.37 -4.85 27.66
C THR A 200 -3.84 -3.42 27.67
N LEU A 201 -2.90 -2.50 27.48
CA LEU A 201 -3.23 -1.13 27.14
C LEU A 201 -3.02 -1.00 25.67
N ARG A 202 -4.06 -0.58 24.96
CA ARG A 202 -3.97 -0.43 23.53
C ARG A 202 -4.20 1.04 23.23
N CYS A 203 -3.21 1.63 22.58
CA CYS A 203 -3.27 3.04 22.21
C CYS A 203 -3.70 3.07 20.77
N TRP A 204 -4.84 3.72 20.53
CA TRP A 204 -5.45 3.77 19.23
C TRP A 204 -5.22 5.11 18.56
N ALA A 205 -4.97 5.06 17.27
CA ALA A 205 -4.97 6.24 16.43
C ALA A 205 -5.89 5.91 15.29
N LEU A 206 -6.91 6.73 15.11
CA LEU A 206 -7.92 6.48 14.09
C LEU A 206 -8.19 7.71 13.26
N GLY A 207 -8.60 7.49 12.02
CA GLY A 207 -9.09 8.58 11.20
C GLY A 207 -7.99 9.53 10.76
N PHE A 208 -6.74 9.09 10.73
CA PHE A 208 -5.68 10.02 10.39
C PHE A 208 -5.26 9.89 8.95
N TYR A 209 -4.68 10.97 8.47
CA TYR A 209 -4.15 11.04 7.15
C TYR A 209 -3.08 12.13 7.22
N PRO A 210 -1.90 11.91 6.64
CA PRO A 210 -1.46 10.73 5.91
C PRO A 210 -1.18 9.57 6.84
N ALA A 211 -0.69 8.49 6.27
CA ALA A 211 -0.52 7.25 7.02
C ALA A 211 0.62 7.31 8.02
N GLU A 212 1.65 8.11 7.75
CA GLU A 212 2.83 8.17 8.60
C GLU A 212 2.42 8.60 9.98
N ILE A 213 2.82 7.81 10.97
CA ILE A 213 2.46 8.09 12.32
C ILE A 213 3.44 7.32 13.18
N THR A 214 3.70 7.86 14.37
CA THR A 214 4.50 7.13 15.33
C THR A 214 3.69 7.02 16.59
N LEU A 215 3.46 5.78 17.00
CA LEU A 215 2.81 5.47 18.26
C LEU A 215 3.84 4.73 19.06
N THR A 216 4.09 5.21 20.26
CA THR A 216 5.07 4.59 21.12
C THR A 216 4.48 4.55 22.48
N TRP A 217 4.80 3.48 23.22
CA TRP A 217 4.47 3.38 24.62
C TRP A 217 5.75 3.60 25.40
N GLN A 218 5.67 4.42 26.43
CA GLN A 218 6.75 4.54 27.40
C GLN A 218 6.28 4.00 28.72
N ARG A 219 7.22 3.40 29.44
CA ARG A 219 7.04 2.99 30.83
C ARG A 219 8.08 3.81 31.58
N ASP A 220 7.60 4.62 32.52
CA ASP A 220 8.50 5.48 33.30
C ASP A 220 9.37 6.34 32.38
N GLY A 221 8.77 6.82 31.29
CA GLY A 221 9.45 7.69 30.34
C GLY A 221 10.49 7.00 29.47
N GLU A 222 10.49 5.66 29.48
CA GLU A 222 11.40 4.89 28.65
C GLU A 222 10.60 4.15 27.58
N ASP A 223 11.00 4.34 26.33
CA ASP A 223 10.36 3.67 25.20
C ASP A 223 10.34 2.17 25.41
N GLN A 224 9.18 1.59 25.16
CA GLN A 224 8.97 0.16 25.31
C GLN A 224 9.04 -0.55 23.97
N THR A 225 10.04 -0.18 23.18
CA THR A 225 10.16 -0.66 21.80
C THR A 225 10.00 -2.17 21.71
N GLN A 226 10.81 -2.90 22.47
CA GLN A 226 10.77 -4.36 22.43
C GLN A 226 9.48 -4.99 22.92
N ASP A 227 8.77 -4.29 23.80
CA ASP A 227 7.58 -4.83 24.46
C ASP A 227 6.25 -4.33 23.90
N THR A 228 6.31 -3.57 22.80
CA THR A 228 5.12 -3.01 22.21
C THR A 228 4.70 -3.81 20.99
N GLU A 229 3.43 -4.21 20.97
CA GLU A 229 2.85 -4.77 19.76
C GLU A 229 2.29 -3.62 18.95
N LEU A 230 2.82 -3.47 17.75
CA LEU A 230 2.46 -2.36 16.90
C LEU A 230 1.88 -2.97 15.63
N VAL A 231 0.58 -2.82 15.39
CA VAL A 231 0.01 -3.34 14.15
C VAL A 231 0.37 -2.43 13.01
N GLU A 232 0.35 -3.01 11.81
CA GLU A 232 0.60 -2.24 10.63
C GLU A 232 -0.50 -1.22 10.48
N THR A 233 -0.09 -0.01 10.10
CA THR A 233 -1.06 1.01 9.78
C THR A 233 -1.95 0.49 8.69
N ARG A 234 -3.26 0.64 8.88
CA ARG A 234 -4.23 0.01 8.00
C ARG A 234 -5.24 1.02 7.52
N PRO A 235 -5.72 0.85 6.29
CA PRO A 235 -6.67 1.78 5.73
C PRO A 235 -8.08 1.53 6.25
N ALA A 236 -8.77 2.61 6.59
CA ALA A 236 -10.13 2.47 7.06
C ALA A 236 -11.12 2.36 5.91
N GLY A 237 -10.73 2.82 4.73
CA GLY A 237 -11.60 2.80 3.57
C GLY A 237 -12.24 4.14 3.26
N ASP A 238 -12.01 5.12 4.14
CA ASP A 238 -12.54 6.47 3.93
C ASP A 238 -11.40 7.47 3.69
N ARG A 239 -10.27 6.93 3.26
CA ARG A 239 -8.99 7.65 3.00
C ARG A 239 -8.08 7.63 4.22
N THR A 240 -8.66 7.44 5.39
CA THR A 240 -7.86 7.57 6.59
C THR A 240 -7.30 6.22 6.99
N PHE A 241 -6.44 6.29 7.99
CA PHE A 241 -5.72 5.14 8.46
C PHE A 241 -5.95 4.95 9.91
N GLN A 242 -5.62 3.75 10.35
CA GLN A 242 -5.76 3.36 11.73
C GLN A 242 -4.51 2.67 12.13
N LYS A 243 -4.19 2.74 13.41
CA LYS A 243 -3.06 2.01 13.92
C LYS A 243 -3.28 1.89 15.40
N TRP A 244 -2.76 0.83 15.98
CA TRP A 244 -2.70 0.76 17.42
C TRP A 244 -1.40 0.18 17.86
N ALA A 245 -1.06 0.50 19.10
CA ALA A 245 0.14 0.02 19.76
C ALA A 245 -0.33 -0.50 21.09
N ALA A 246 0.12 -1.69 21.47
CA ALA A 246 -0.36 -2.26 22.72
C ALA A 246 0.82 -2.71 23.53
N VAL A 247 0.65 -2.58 24.84
CA VAL A 247 1.59 -3.11 25.79
C VAL A 247 0.82 -3.93 26.81
N VAL A 248 1.48 -4.95 27.32
CA VAL A 248 0.91 -5.77 28.37
C VAL A 248 1.51 -5.20 29.63
N VAL A 249 0.64 -4.76 30.53
CA VAL A 249 1.10 -4.06 31.71
C VAL A 249 0.66 -4.79 32.96
N PRO A 250 1.47 -4.73 34.00
CA PRO A 250 1.04 -5.28 35.28
C PRO A 250 -0.17 -4.54 35.81
N SER A 251 -1.14 -5.28 36.33
CA SER A 251 -2.30 -4.71 37.00
C SER A 251 -1.87 -3.66 38.00
N GLY A 252 -2.51 -2.50 37.93
CA GLY A 252 -2.25 -1.40 38.83
C GLY A 252 -1.15 -0.46 38.40
N GLU A 253 -0.38 -0.86 37.39
CA GLU A 253 0.77 -0.08 36.93
C GLU A 253 0.47 0.78 35.71
N GLU A 254 -0.81 0.84 35.36
CA GLU A 254 -1.22 1.48 34.12
C GLU A 254 -0.74 2.91 34.01
N GLN A 255 -0.66 3.64 35.13
CA GLN A 255 -0.27 5.04 35.08
C GLN A 255 1.21 5.28 34.84
N ARG A 256 2.00 4.21 34.85
CA ARG A 256 3.41 4.32 34.51
C ARG A 256 3.62 4.32 33.00
N TYR A 257 2.55 4.03 32.27
CA TYR A 257 2.60 3.95 30.82
C TYR A 257 1.99 5.16 30.17
N THR A 258 2.73 5.68 29.21
CA THR A 258 2.22 6.80 28.43
C THR A 258 2.34 6.42 26.97
N CYS A 259 1.30 6.72 26.22
CA CYS A 259 1.33 6.52 24.79
C CYS A 259 1.68 7.87 24.15
N HIS A 260 2.58 7.84 23.18
CA HIS A 260 3.06 9.05 22.54
C HIS A 260 2.74 8.94 21.08
N VAL A 261 2.13 10.00 20.57
CA VAL A 261 1.60 9.97 19.22
C VAL A 261 2.23 11.13 18.50
N GLN A 262 2.90 10.82 17.40
CA GLN A 262 3.46 11.84 16.55
C GLN A 262 2.78 11.69 15.21
N HIS A 263 2.25 12.80 14.72
CA HIS A 263 1.63 12.78 13.41
C HIS A 263 1.70 14.20 12.90
N GLU A 264 1.83 14.33 11.59
CA GLU A 264 1.99 15.62 10.96
C GLU A 264 0.80 16.55 11.24
N GLY A 265 -0.38 15.97 11.47
CA GLY A 265 -1.58 16.75 11.71
C GLY A 265 -1.70 17.26 13.14
N LEU A 266 -0.74 16.88 13.98
CA LEU A 266 -0.70 17.32 15.37
C LEU A 266 0.31 18.46 15.52
N PRO A 267 -0.11 19.60 16.11
CA PRO A 267 0.84 20.70 16.33
C PRO A 267 1.97 20.30 17.28
N LYS A 268 1.68 19.42 18.23
CA LYS A 268 2.70 18.83 19.09
C LYS A 268 2.41 17.38 19.36
N PRO A 269 3.46 16.57 19.57
CA PRO A 269 3.18 15.15 19.87
C PRO A 269 2.26 15.02 21.08
N LEU A 270 1.34 14.07 21.02
CA LEU A 270 0.38 13.83 22.09
C LEU A 270 0.94 12.80 23.04
N THR A 271 0.62 13.00 24.32
CA THR A 271 0.88 11.99 25.33
C THR A 271 -0.48 11.56 25.86
N LEU A 272 -0.72 10.26 25.88
CA LEU A 272 -1.98 9.70 26.35
C LEU A 272 -1.71 8.71 27.45
N ARG A 273 -2.68 8.54 28.33
CA ARG A 273 -2.63 7.51 29.35
C ARG A 273 -4.00 6.88 29.46
N TRP A 274 -4.04 5.69 30.03
CA TRP A 274 -5.30 5.05 30.35
C TRP A 274 -6.05 5.86 31.39
N ILE B 2 10.87 -17.86 -3.32
CA ILE B 2 10.68 -17.04 -2.10
C ILE B 2 9.32 -16.34 -2.11
N GLN B 3 8.44 -16.78 -1.23
CA GLN B 3 7.07 -16.25 -1.15
C GLN B 3 6.84 -15.64 0.22
N ARG B 4 5.83 -14.79 0.31
CA ARG B 4 5.51 -14.12 1.56
C ARG B 4 4.04 -14.27 1.88
N THR B 5 3.76 -14.68 3.11
CA THR B 5 2.39 -14.99 3.48
C THR B 5 1.66 -13.73 3.92
N PRO B 6 0.35 -13.64 3.62
CA PRO B 6 -0.32 -12.41 4.01
C PRO B 6 -0.45 -12.21 5.51
N LYS B 7 -0.22 -10.98 5.93
CA LYS B 7 -0.75 -10.47 7.19
C LYS B 7 -2.21 -10.19 6.94
N ILE B 8 -3.02 -10.34 7.98
CA ILE B 8 -4.46 -10.17 7.87
C ILE B 8 -4.93 -9.37 9.06
N GLN B 9 -5.62 -8.28 8.78
CA GLN B 9 -6.34 -7.57 9.83
C GLN B 9 -7.77 -7.47 9.41
N VAL B 10 -8.67 -7.79 10.35
CA VAL B 10 -10.09 -7.67 10.11
C VAL B 10 -10.59 -6.64 11.12
N TYR B 11 -11.32 -5.66 10.62
CA TYR B 11 -11.68 -4.54 11.47
C TYR B 11 -12.76 -3.73 10.78
N SER B 12 -13.32 -2.78 11.50
CA SER B 12 -14.33 -1.96 10.90
C SER B 12 -13.78 -0.57 10.61
N ARG B 13 -14.41 0.10 9.66
CA ARG B 13 -14.01 1.45 9.32
C ARG B 13 -14.18 2.38 10.52
N HIS B 14 -15.30 2.22 11.20
CA HIS B 14 -15.62 3.02 12.37
C HIS B 14 -15.76 2.13 13.59
N PRO B 15 -15.58 2.70 14.80
CA PRO B 15 -15.85 1.92 16.00
C PRO B 15 -17.19 1.21 15.87
N ALA B 16 -17.21 -0.08 16.18
CA ALA B 16 -18.42 -0.88 16.04
C ALA B 16 -19.49 -0.42 17.01
N GLU B 17 -20.69 -0.25 16.48
CA GLU B 17 -21.87 0.07 17.28
C GLU B 17 -23.01 -0.80 16.76
N ASN B 18 -23.47 -1.72 17.59
CA ASN B 18 -24.51 -2.68 17.18
C ASN B 18 -25.74 -1.99 16.60
N GLY B 19 -26.20 -2.50 15.46
CA GLY B 19 -27.35 -1.92 14.76
C GLY B 19 -27.02 -0.70 13.92
N LYS B 20 -25.76 -0.27 13.94
CA LYS B 20 -25.35 0.88 13.13
C LYS B 20 -24.49 0.45 11.95
N SER B 21 -24.88 0.88 10.76
CA SER B 21 -24.18 0.54 9.52
C SER B 21 -22.73 0.98 9.57
N ASN B 22 -21.87 0.12 9.03
CA ASN B 22 -20.43 0.28 9.16
C ASN B 22 -19.82 -0.42 7.96
N PHE B 23 -18.49 -0.47 7.90
CA PHE B 23 -17.82 -1.25 6.88
C PHE B 23 -16.92 -2.23 7.56
N LEU B 24 -16.99 -3.46 7.09
CA LEU B 24 -16.15 -4.53 7.54
C LEU B 24 -15.00 -4.60 6.58
N ASN B 25 -13.79 -4.51 7.11
CA ASN B 25 -12.59 -4.48 6.32
C ASN B 25 -11.78 -5.69 6.61
N CYS B 26 -11.20 -6.24 5.56
CA CYS B 26 -10.16 -7.21 5.73
C CYS B 26 -8.96 -6.74 4.93
N TYR B 27 -7.89 -6.41 5.65
CA TYR B 27 -6.70 -5.83 5.03
C TYR B 27 -5.67 -6.92 4.99
N VAL B 28 -5.30 -7.31 3.78
CA VAL B 28 -4.27 -8.32 3.59
C VAL B 28 -3.05 -7.61 3.05
N SER B 29 -1.90 -7.90 3.61
CA SER B 29 -0.70 -7.18 3.25
C SER B 29 0.50 -8.05 3.44
N GLY B 30 1.63 -7.58 2.95
CA GLY B 30 2.88 -8.29 3.15
C GLY B 30 3.02 -9.57 2.38
N PHE B 31 2.15 -9.81 1.42
CA PHE B 31 2.16 -11.07 0.70
C PHE B 31 2.80 -10.98 -0.66
N HIS B 32 3.28 -12.12 -1.13
CA HIS B 32 3.84 -12.22 -2.44
C HIS B 32 3.84 -13.72 -2.76
N PRO B 33 3.35 -14.12 -3.94
CA PRO B 33 2.84 -13.33 -5.05
C PRO B 33 1.46 -12.75 -4.79
N SER B 34 0.89 -12.15 -5.81
CA SER B 34 -0.25 -11.30 -5.65
C SER B 34 -1.60 -12.00 -5.63
N ASP B 35 -1.69 -13.20 -6.19
CA ASP B 35 -2.98 -13.88 -6.21
C ASP B 35 -3.33 -14.25 -4.80
N ILE B 36 -4.58 -13.97 -4.46
CA ILE B 36 -5.05 -14.18 -3.12
C ILE B 36 -6.56 -14.27 -3.21
N GLU B 37 -7.13 -15.16 -2.41
CA GLU B 37 -8.57 -15.33 -2.34
C GLU B 37 -8.98 -14.80 -0.97
N VAL B 38 -9.87 -13.83 -0.97
CA VAL B 38 -10.34 -13.26 0.29
C VAL B 38 -11.86 -13.24 0.26
N ASP B 39 -12.45 -13.84 1.30
CA ASP B 39 -13.89 -13.82 1.49
C ASP B 39 -14.17 -13.15 2.80
N LEU B 40 -15.24 -12.37 2.84
CA LEU B 40 -15.78 -11.92 4.10
C LEU B 40 -16.95 -12.84 4.43
N LEU B 41 -16.96 -13.30 5.68
CA LEU B 41 -17.96 -14.27 6.12
C LEU B 41 -18.87 -13.65 7.15
N LYS B 42 -20.16 -13.93 7.01
CA LYS B 42 -21.16 -13.59 8.01
C LYS B 42 -21.74 -14.90 8.49
N ASN B 43 -21.49 -15.21 9.76
CA ASN B 43 -21.90 -16.48 10.37
C ASN B 43 -21.49 -17.67 9.49
N GLY B 44 -20.21 -17.68 9.08
CA GLY B 44 -19.64 -18.75 8.27
C GLY B 44 -19.97 -18.71 6.78
N GLU B 45 -20.92 -17.86 6.41
CA GLU B 45 -21.41 -17.80 5.04
C GLU B 45 -20.76 -16.65 4.28
N ARG B 46 -20.41 -16.91 3.02
CA ARG B 46 -19.74 -15.92 2.18
C ARG B 46 -20.67 -14.74 1.90
N ILE B 47 -20.20 -13.54 2.21
CA ILE B 47 -20.92 -12.32 1.87
C ILE B 47 -20.75 -12.08 0.38
N GLU B 48 -21.85 -11.81 -0.32
CA GLU B 48 -21.81 -11.64 -1.77
C GLU B 48 -21.24 -10.29 -2.18
N LYS B 49 -21.62 -9.24 -1.46
CA LYS B 49 -21.27 -7.89 -1.84
C LYS B 49 -19.94 -7.46 -1.22
N VAL B 50 -18.84 -8.03 -1.73
CA VAL B 50 -17.51 -7.64 -1.25
C VAL B 50 -16.69 -6.98 -2.34
N GLU B 51 -16.12 -5.82 -2.01
CA GLU B 51 -15.26 -5.11 -2.94
C GLU B 51 -13.83 -5.13 -2.42
N HIS B 52 -12.90 -4.83 -3.30
CA HIS B 52 -11.53 -4.69 -2.85
C HIS B 52 -10.82 -3.57 -3.56
N SER B 53 -9.75 -3.12 -2.92
CA SER B 53 -8.89 -2.09 -3.47
C SER B 53 -8.08 -2.61 -4.64
N ASP B 54 -7.46 -1.69 -5.37
CA ASP B 54 -6.61 -2.03 -6.47
C ASP B 54 -5.27 -2.48 -5.97
N LEU B 55 -4.75 -3.52 -6.58
CA LEU B 55 -3.48 -4.09 -6.16
C LEU B 55 -2.37 -3.05 -6.11
N SER B 56 -1.74 -2.96 -4.95
CA SER B 56 -0.60 -2.10 -4.77
C SER B 56 0.38 -2.84 -3.91
N PHE B 57 1.53 -2.23 -3.70
CA PHE B 57 2.54 -2.88 -2.92
C PHE B 57 3.38 -1.88 -2.14
N SER B 58 4.05 -2.42 -1.14
CA SER B 58 4.86 -1.66 -0.21
C SER B 58 6.28 -1.56 -0.70
N LYS B 59 7.10 -0.84 0.04
CA LYS B 59 8.46 -0.56 -0.38
C LYS B 59 9.27 -1.84 -0.48
N ASP B 60 8.88 -2.87 0.28
CA ASP B 60 9.56 -4.17 0.17
C ASP B 60 8.96 -5.07 -0.92
N TRP B 61 8.08 -4.49 -1.74
CA TRP B 61 7.47 -5.17 -2.88
C TRP B 61 6.34 -6.10 -2.50
N SER B 62 6.04 -6.24 -1.22
CA SER B 62 4.94 -7.10 -0.85
C SER B 62 3.63 -6.37 -1.13
N PHE B 63 2.62 -7.15 -1.48
CA PHE B 63 1.35 -6.60 -1.90
C PHE B 63 0.44 -6.33 -0.75
N TYR B 64 -0.52 -5.44 -0.98
CA TYR B 64 -1.59 -5.25 -0.02
C TYR B 64 -2.88 -4.97 -0.75
N LEU B 65 -3.97 -5.40 -0.12
CA LEU B 65 -5.32 -5.21 -0.61
C LEU B 65 -6.24 -5.04 0.56
N LEU B 66 -7.22 -4.19 0.36
CA LEU B 66 -8.30 -4.06 1.30
C LEU B 66 -9.58 -4.64 0.70
N TYR B 67 -10.18 -5.58 1.41
CA TYR B 67 -11.50 -6.10 1.02
C TYR B 67 -12.48 -5.54 2.00
N TYR B 68 -13.65 -5.18 1.52
CA TYR B 68 -14.56 -4.48 2.41
C TYR B 68 -15.99 -4.65 1.96
N THR B 69 -16.89 -4.60 2.93
CA THR B 69 -18.31 -4.69 2.65
C THR B 69 -19.03 -3.86 3.69
N GLU B 70 -20.14 -3.27 3.27
CA GLU B 70 -21.05 -2.60 4.18
C GLU B 70 -21.62 -3.67 5.08
N PHE B 71 -21.67 -3.41 6.39
CA PHE B 71 -22.29 -4.35 7.33
C PHE B 71 -22.88 -3.61 8.52
N THR B 72 -23.90 -4.22 9.11
CA THR B 72 -24.47 -3.68 10.32
C THR B 72 -24.18 -4.68 11.43
N PRO B 73 -23.14 -4.42 12.23
CA PRO B 73 -22.75 -5.33 13.31
C PRO B 73 -23.88 -5.46 14.33
N THR B 74 -24.05 -6.67 14.84
CA THR B 74 -24.99 -6.92 15.93
C THR B 74 -24.21 -7.64 17.03
N GLU B 75 -24.90 -7.98 18.12
CA GLU B 75 -24.25 -8.68 19.23
C GLU B 75 -23.90 -10.12 18.85
N LYS B 76 -24.81 -10.76 18.10
CA LYS B 76 -24.72 -12.19 17.83
C LYS B 76 -23.95 -12.53 16.55
N ASP B 77 -24.11 -11.72 15.51
CA ASP B 77 -23.52 -11.99 14.22
C ASP B 77 -22.00 -12.02 14.28
N GLU B 78 -21.43 -13.11 13.78
CA GLU B 78 -20.00 -13.28 13.73
C GLU B 78 -19.51 -12.96 12.34
N TYR B 79 -18.45 -12.17 12.27
CA TYR B 79 -17.85 -11.85 11.00
C TYR B 79 -16.43 -12.34 10.96
N ALA B 80 -15.98 -12.68 9.76
CA ALA B 80 -14.66 -13.22 9.59
C ALA B 80 -14.17 -12.91 8.20
N CYS B 81 -12.85 -13.00 8.07
CA CYS B 81 -12.22 -12.90 6.78
C CYS B 81 -11.51 -14.20 6.52
N ARG B 82 -11.79 -14.80 5.36
CA ARG B 82 -11.19 -16.07 4.98
C ARG B 82 -10.21 -15.78 3.85
N VAL B 83 -8.95 -16.13 4.10
CA VAL B 83 -7.90 -15.81 3.14
C VAL B 83 -7.22 -17.08 2.67
N ASN B 84 -7.14 -17.22 1.36
CA ASN B 84 -6.28 -18.24 0.79
C ASN B 84 -5.22 -17.63 -0.09
N HIS B 85 -4.04 -18.22 -0.01
CA HIS B 85 -2.88 -17.74 -0.73
C HIS B 85 -2.00 -18.97 -0.92
N VAL B 86 -1.13 -18.92 -1.92
CA VAL B 86 -0.26 -20.06 -2.23
C VAL B 86 0.57 -20.49 -1.02
N THR B 87 0.93 -19.55 -0.16
CA THR B 87 1.70 -19.81 1.06
C THR B 87 0.91 -20.55 2.13
N LEU B 88 -0.40 -20.66 1.94
CA LEU B 88 -1.29 -21.28 2.92
C LEU B 88 -1.78 -22.65 2.43
N SER B 89 -1.56 -23.67 3.25
CA SER B 89 -2.03 -25.03 2.94
C SER B 89 -3.55 -25.12 3.00
N GLN B 90 -4.14 -24.31 3.87
CA GLN B 90 -5.58 -24.22 4.02
C GLN B 90 -5.95 -22.76 4.26
N PRO B 91 -7.18 -22.36 3.90
CA PRO B 91 -7.60 -20.98 4.12
C PRO B 91 -7.45 -20.57 5.58
N LYS B 92 -6.92 -19.38 5.80
CA LYS B 92 -6.79 -18.82 7.14
C LYS B 92 -8.03 -17.99 7.40
N ILE B 93 -8.72 -18.29 8.51
CA ILE B 93 -9.87 -17.52 8.90
C ILE B 93 -9.49 -16.64 10.08
N VAL B 94 -9.63 -15.33 9.90
CA VAL B 94 -9.41 -14.40 10.98
C VAL B 94 -10.75 -13.80 11.34
N LYS B 95 -11.13 -13.98 12.60
CA LYS B 95 -12.41 -13.52 13.09
C LYS B 95 -12.37 -12.03 13.36
N TRP B 96 -13.46 -11.35 13.06
CA TRP B 96 -13.56 -9.95 13.42
C TRP B 96 -13.67 -9.80 14.93
N ASP B 97 -12.69 -9.11 15.50
CA ASP B 97 -12.69 -8.75 16.91
C ASP B 97 -12.80 -7.23 16.96
N ARG B 98 -13.94 -6.77 17.45
CA ARG B 98 -14.26 -5.34 17.47
C ARG B 98 -13.28 -4.47 18.29
N ASP B 99 -12.42 -5.10 19.08
CA ASP B 99 -11.44 -4.37 19.89
C ASP B 99 -10.03 -4.40 19.31
N MET B 100 -9.90 -4.78 18.04
CA MET B 100 -8.59 -4.86 17.41
C MET B 100 -8.54 -4.26 16.00
N ILE C 1 1.03 12.17 -13.57
CA ILE C 1 1.03 11.60 -14.93
C ILE C 1 2.06 10.48 -14.96
N SER C 2 1.73 9.40 -15.67
CA SER C 2 2.59 8.22 -15.68
C SER C 2 3.75 8.42 -16.62
N PRO C 3 4.89 7.80 -16.29
CA PRO C 3 6.07 7.93 -17.13
C PRO C 3 5.90 7.15 -18.42
N ARG C 4 6.44 7.72 -19.49
CA ARG C 4 6.39 7.11 -20.82
C ARG C 4 7.68 6.40 -21.13
N THR C 5 8.53 6.32 -20.11
CA THR C 5 9.84 5.72 -20.25
C THR C 5 9.63 4.23 -20.27
N LEU C 6 9.62 3.67 -21.48
CA LEU C 6 9.37 2.26 -21.69
C LEU C 6 10.65 1.60 -22.16
N ASP C 7 11.26 0.86 -21.25
CA ASP C 7 12.56 0.29 -21.54
C ASP C 7 12.52 -1.20 -21.36
N ALA C 8 12.96 -1.90 -22.40
CA ALA C 8 13.04 -3.34 -22.33
C ALA C 8 14.14 -3.66 -21.35
N TRP C 9 13.94 -4.71 -20.57
CA TRP C 9 14.97 -5.22 -19.71
C TRP C 9 16.09 -5.87 -20.51
#